data_7OKU
#
_entry.id   7OKU
#
_cell.length_a   70.619
_cell.length_b   70.619
_cell.length_c   97.367
_cell.angle_alpha   90.000
_cell.angle_beta   90.000
_cell.angle_gamma   120.000
#
_symmetry.space_group_name_H-M   'P 31 2 1'
#
loop_
_entity.id
_entity.type
_entity.pdbx_description
1 polymer 'Endothelial protein C receptor'
2 branched 2-acetamido-2-deoxy-beta-D-glucopyranose-(1-4)-2-acetamido-2-deoxy-beta-D-glucopyranose
3 non-polymer 2-acetamido-2-deoxy-beta-D-glucopyranose
4 non-polymer 1,2-ETHANEDIOL
5 non-polymer PHOSPHATIDYLETHANOLAMINE
6 water water
#
_entity_poly.entity_id   1
_entity_poly.type   'polypeptide(L)'
_entity_poly.pdbx_seq_one_letter_code
;GPSQDASDGLQRLHMLQISYFRDPYHVWYQGNASLGGHLTHVLEGPDTNTTIIQLQPLQEPESWARTQSGLQSYLLQFHG
LVRLVHQERTLAFPLTIRCFLGCELPPEGSRAHVFFEVAVNGSSFVSFRPERALWQADTQVTSGVVTFTLQQLNAYNRTR
YELREFLEDTCVQYVQKHISAENTKGSQTSRSYTS
;
_entity_poly.pdbx_strand_id   A
#
loop_
_chem_comp.id
_chem_comp.type
_chem_comp.name
_chem_comp.formula
EDO non-polymer 1,2-ETHANEDIOL 'C2 H6 O2'
NAG D-saccharide, beta linking 2-acetamido-2-deoxy-beta-D-glucopyranose 'C8 H15 N O6'
PTY non-polymer PHOSPHATIDYLETHANOLAMINE 'C40 H80 N O8 P'
#
# COMPACT_ATOMS: atom_id res chain seq x y z
N LEU A 10 2.86 16.65 -9.43
CA LEU A 10 3.70 17.69 -8.85
C LEU A 10 5.00 17.01 -8.41
N GLN A 11 5.52 16.16 -9.30
CA GLN A 11 6.58 15.19 -8.98
C GLN A 11 6.17 14.32 -7.80
N ARG A 12 5.14 13.55 -8.04
CA ARG A 12 4.62 12.70 -6.98
C ARG A 12 3.95 11.50 -7.60
N LEU A 13 4.00 10.38 -6.91
CA LEU A 13 3.17 9.23 -7.26
C LEU A 13 2.34 8.90 -6.02
N HIS A 14 1.04 8.75 -6.19
CA HIS A 14 0.17 8.43 -5.07
C HIS A 14 -0.53 7.14 -5.44
N MET A 15 -0.60 6.22 -4.51
CA MET A 15 -1.31 4.96 -4.80
C MET A 15 -2.37 4.76 -3.75
N LEU A 16 -3.53 4.25 -4.16
CA LEU A 16 -4.65 4.02 -3.27
C LEU A 16 -5.15 2.63 -3.48
N GLN A 17 -5.33 1.90 -2.39
CA GLN A 17 -5.87 0.55 -2.41
C GLN A 17 -7.01 0.49 -1.41
N ILE A 18 -8.22 0.21 -1.88
CA ILE A 18 -9.33 -0.08 -0.95
C ILE A 18 -9.64 -1.56 -1.03
N SER A 19 -9.72 -2.23 0.13
CA SER A 19 -9.93 -3.67 0.17
C SER A 19 -11.19 -3.95 1.00
N TYR A 20 -12.23 -4.50 0.36
CA TYR A 20 -13.50 -4.82 1.03
C TYR A 20 -13.53 -6.29 1.38
N PHE A 21 -13.53 -6.62 2.70
CA PHE A 21 -13.55 -8.00 3.17
C PHE A 21 -14.95 -8.33 3.68
N ARG A 22 -15.69 -9.15 2.96
CA ARG A 22 -16.92 -9.57 3.61
C ARG A 22 -16.65 -10.65 4.63
N ASP A 23 -15.54 -11.38 4.46
CA ASP A 23 -15.10 -12.38 5.42
C ASP A 23 -13.62 -12.67 5.15
N PRO A 24 -12.92 -13.35 6.05
CA PRO A 24 -11.47 -13.46 5.86
C PRO A 24 -11.06 -13.99 4.49
N TYR A 25 -11.96 -14.69 3.81
CA TYR A 25 -11.61 -15.43 2.60
C TYR A 25 -12.18 -14.82 1.33
N HIS A 26 -12.84 -13.67 1.42
CA HIS A 26 -13.47 -13.03 0.27
C HIS A 26 -13.18 -11.54 0.36
N VAL A 27 -12.39 -11.04 -0.57
CA VAL A 27 -11.97 -9.64 -0.58
C VAL A 27 -12.21 -9.09 -1.97
N TRP A 28 -12.64 -7.84 -2.02
CA TRP A 28 -12.87 -7.04 -3.22
C TRP A 28 -11.97 -5.85 -3.19
N TYR A 29 -11.18 -5.65 -4.25
CA TYR A 29 -10.14 -4.61 -4.30
C TYR A 29 -10.53 -3.50 -5.25
N GLN A 30 -10.18 -2.27 -4.91
CA GLN A 30 -10.42 -1.18 -5.86
C GLN A 30 -9.32 -0.19 -5.56
N GLY A 31 -8.61 0.23 -6.59
CA GLY A 31 -7.61 1.23 -6.30
C GLY A 31 -7.15 1.85 -7.59
N ASN A 32 -6.14 2.70 -7.43
CA ASN A 32 -5.66 3.47 -8.56
C ASN A 32 -4.43 4.24 -8.09
N ALA A 33 -3.62 4.68 -9.08
CA ALA A 33 -2.41 5.45 -8.81
C ALA A 33 -2.41 6.65 -9.75
N SER A 34 -1.85 7.75 -9.30
CA SER A 34 -1.78 8.98 -10.06
C SER A 34 -0.36 9.43 -10.05
N LEU A 35 0.10 9.94 -11.18
CA LEU A 35 1.47 10.38 -11.27
C LEU A 35 1.38 11.83 -11.74
N GLY A 36 2.00 12.76 -10.99
CA GLY A 36 1.77 14.16 -11.26
C GLY A 36 0.30 14.54 -11.27
N GLY A 37 -0.53 13.85 -10.51
CA GLY A 37 -1.92 14.22 -10.45
C GLY A 37 -2.77 13.76 -11.64
N HIS A 38 -2.24 12.89 -12.47
CA HIS A 38 -2.98 12.27 -13.57
C HIS A 38 -3.16 10.80 -13.26
N LEU A 39 -4.36 10.25 -13.53
CA LEU A 39 -4.58 8.83 -13.25
C LEU A 39 -3.70 8.00 -14.16
N THR A 40 -2.98 7.05 -13.60
CA THR A 40 -2.07 6.25 -14.39
C THR A 40 -2.27 4.77 -14.28
N HIS A 41 -2.91 4.28 -13.23
CA HIS A 41 -3.06 2.84 -12.97
C HIS A 41 -4.39 2.57 -12.31
N VAL A 42 -4.92 1.38 -12.57
CA VAL A 42 -6.16 0.90 -11.95
C VAL A 42 -5.92 -0.47 -11.37
N LEU A 43 -6.49 -0.69 -10.18
CA LEU A 43 -6.58 -1.96 -9.48
C LEU A 43 -8.05 -2.31 -9.34
N GLU A 44 -8.43 -3.53 -9.76
CA GLU A 44 -9.86 -3.85 -9.76
C GLU A 44 -10.06 -5.35 -9.66
N GLY A 45 -10.95 -5.75 -8.78
CA GLY A 45 -11.46 -7.10 -8.78
C GLY A 45 -11.32 -7.90 -7.50
N PRO A 46 -11.99 -9.04 -7.45
CA PRO A 46 -11.89 -9.89 -6.28
C PRO A 46 -10.56 -10.64 -6.30
N ASP A 47 -10.21 -11.19 -5.13
CA ASP A 47 -9.00 -12.02 -5.00
C ASP A 47 -8.96 -13.14 -6.03
N THR A 48 -10.13 -13.62 -6.46
CA THR A 48 -10.16 -14.73 -7.40
C THR A 48 -9.53 -14.33 -8.73
N ASN A 49 -9.68 -13.07 -9.14
CA ASN A 49 -9.08 -12.58 -10.40
C ASN A 49 -8.91 -11.07 -10.26
N THR A 50 -7.68 -10.63 -9.93
CA THR A 50 -7.37 -9.22 -9.74
C THR A 50 -6.73 -8.59 -10.98
N THR A 51 -7.39 -7.58 -11.51
CA THR A 51 -6.84 -6.82 -12.62
C THR A 51 -5.96 -5.69 -12.10
N ILE A 52 -4.74 -5.59 -12.62
CA ILE A 52 -3.83 -4.47 -12.34
C ILE A 52 -3.30 -3.97 -13.67
N ILE A 53 -3.60 -2.71 -13.99
CA ILE A 53 -3.50 -2.16 -15.35
C ILE A 53 -2.72 -0.87 -15.30
N GLN A 54 -1.84 -0.62 -16.27
CA GLN A 54 -1.39 0.76 -16.47
C GLN A 54 -2.24 1.37 -17.58
N LEU A 55 -2.89 2.49 -17.27
CA LEU A 55 -3.71 3.22 -18.25
C LEU A 55 -2.86 3.84 -19.37
N GLN A 56 -1.71 4.33 -19.02
CA GLN A 56 -0.72 4.89 -19.91
C GLN A 56 0.44 3.91 -19.97
N PRO A 57 0.98 3.61 -21.17
CA PRO A 57 2.13 2.70 -21.25
C PRO A 57 3.45 3.30 -20.76
N LEU A 58 3.52 3.52 -19.44
CA LEU A 58 4.72 4.11 -18.86
C LEU A 58 5.86 3.11 -18.81
N GLN A 59 5.60 1.85 -18.42
CA GLN A 59 6.62 0.82 -18.47
C GLN A 59 6.49 -0.07 -19.70
N GLU A 60 7.65 -0.50 -20.23
CA GLU A 60 7.74 -1.43 -21.35
C GLU A 60 7.27 -2.82 -20.90
N PRO A 61 6.88 -3.68 -21.85
CA PRO A 61 6.17 -4.92 -21.45
C PRO A 61 6.91 -5.78 -20.43
N GLU A 62 8.20 -6.05 -20.65
CA GLU A 62 8.93 -6.88 -19.70
C GLU A 62 8.98 -6.20 -18.34
N SER A 63 9.23 -4.89 -18.33
CA SER A 63 9.30 -4.17 -17.07
C SER A 63 7.97 -4.20 -16.35
N TRP A 64 6.89 -3.86 -17.05
CA TRP A 64 5.60 -3.83 -16.39
C TRP A 64 5.23 -5.20 -15.88
N ALA A 65 5.52 -6.24 -16.65
CA ALA A 65 5.19 -7.59 -16.22
C ALA A 65 5.87 -7.92 -14.89
N ARG A 66 7.12 -7.48 -14.71
CA ARG A 66 7.79 -7.67 -13.43
C ARG A 66 7.09 -6.89 -12.32
N THR A 67 6.82 -5.60 -12.56
CA THR A 67 6.08 -4.80 -11.57
C THR A 67 4.73 -5.43 -11.23
N GLN A 68 4.06 -5.98 -12.23
CA GLN A 68 2.73 -6.48 -11.98
C GLN A 68 2.77 -7.72 -11.10
N SER A 69 3.78 -8.58 -11.31
CA SER A 69 3.93 -9.78 -10.48
C SER A 69 4.17 -9.44 -9.03
N GLY A 70 4.99 -8.41 -8.77
CA GLY A 70 5.24 -8.01 -7.40
C GLY A 70 4.04 -7.37 -6.73
N LEU A 71 3.21 -6.66 -7.51
CA LEU A 71 1.98 -6.13 -6.94
C LEU A 71 1.06 -7.28 -6.53
N GLN A 72 0.88 -8.26 -7.42
CA GLN A 72 0.04 -9.40 -7.09
C GLN A 72 0.54 -10.08 -5.82
N SER A 73 1.87 -10.13 -5.65
CA SER A 73 2.45 -10.80 -4.48
C SER A 73 2.24 -9.97 -3.22
N TYR A 74 2.37 -8.65 -3.34
CA TYR A 74 1.96 -7.76 -2.26
C TYR A 74 0.53 -8.07 -1.83
N LEU A 75 -0.39 -8.18 -2.79
CA LEU A 75 -1.78 -8.46 -2.42
C LEU A 75 -1.93 -9.77 -1.67
N LEU A 76 -1.23 -10.82 -2.10
CA LEU A 76 -1.41 -12.09 -1.43
C LEU A 76 -0.95 -11.99 0.03
N GLN A 77 0.21 -11.37 0.27
CA GLN A 77 0.72 -11.21 1.63
C GLN A 77 -0.14 -10.25 2.48
N PHE A 78 -0.64 -9.17 1.88
CA PHE A 78 -1.60 -8.29 2.57
C PHE A 78 -2.78 -9.11 3.06
N HIS A 79 -3.37 -9.89 2.16
CA HIS A 79 -4.54 -10.70 2.52
C HIS A 79 -4.18 -11.71 3.60
N GLY A 80 -2.98 -12.28 3.51
CA GLY A 80 -2.58 -13.22 4.54
C GLY A 80 -2.50 -12.57 5.90
N LEU A 81 -2.00 -11.33 5.95
CA LEU A 81 -1.90 -10.68 7.24
C LEU A 81 -3.28 -10.42 7.84
N VAL A 82 -4.28 -10.03 7.02
CA VAL A 82 -5.58 -9.78 7.66
C VAL A 82 -6.15 -11.09 8.20
N ARG A 83 -5.93 -12.21 7.50
CA ARG A 83 -6.47 -13.49 7.98
C ARG A 83 -5.76 -13.89 9.25
N LEU A 84 -4.44 -13.64 9.29
CA LEU A 84 -3.68 -13.92 10.51
C LEU A 84 -4.17 -13.09 11.70
N VAL A 85 -4.39 -11.78 11.51
CA VAL A 85 -4.95 -11.00 12.60
C VAL A 85 -6.27 -11.61 13.04
N HIS A 86 -7.11 -11.94 12.07
CA HIS A 86 -8.36 -12.61 12.42
C HIS A 86 -8.13 -13.95 13.11
N GLN A 87 -7.19 -14.74 12.58
CA GLN A 87 -6.91 -16.06 13.12
C GLN A 87 -6.41 -16.00 14.56
N GLU A 88 -5.82 -14.86 14.99
CA GLU A 88 -5.19 -14.72 16.31
C GLU A 88 -5.90 -13.78 17.28
N ARG A 89 -6.67 -12.79 16.80
CA ARG A 89 -7.37 -11.83 17.65
C ARG A 89 -8.80 -11.78 17.12
N THR A 90 -9.72 -11.16 17.85
CA THR A 90 -11.08 -11.07 17.32
C THR A 90 -11.13 -9.91 16.32
N LEU A 91 -11.33 -10.23 15.04
CA LEU A 91 -11.48 -9.28 13.94
C LEU A 91 -12.89 -9.37 13.39
N ALA A 92 -13.63 -8.26 13.44
CA ALA A 92 -15.05 -8.26 13.03
C ALA A 92 -15.20 -7.89 11.56
N PHE A 93 -15.76 -8.91 10.69
CA PHE A 93 -16.10 -8.72 9.29
C PHE A 93 -17.59 -8.48 9.15
N PRO A 94 -18.05 -7.81 8.11
CA PRO A 94 -17.27 -7.20 7.04
C PRO A 94 -16.46 -5.99 7.47
N LEU A 95 -15.38 -5.71 6.76
CA LEU A 95 -14.57 -4.56 7.08
C LEU A 95 -13.92 -4.08 5.81
N THR A 96 -13.61 -2.79 5.77
CA THR A 96 -12.93 -2.15 4.66
C THR A 96 -11.61 -1.57 5.14
N ILE A 97 -10.53 -1.84 4.40
CA ILE A 97 -9.21 -1.34 4.71
C ILE A 97 -8.83 -0.41 3.58
N ARG A 98 -8.18 0.69 3.91
CA ARG A 98 -7.76 1.64 2.89
C ARG A 98 -6.28 1.84 3.06
N CYS A 99 -5.51 1.60 2.00
CA CYS A 99 -4.07 1.87 2.08
C CYS A 99 -3.79 3.02 1.14
N PHE A 100 -3.13 4.03 1.66
CA PHE A 100 -2.82 5.23 0.88
C PHE A 100 -1.34 5.47 1.04
N LEU A 101 -0.60 5.43 -0.07
CA LEU A 101 0.87 5.46 0.00
C LEU A 101 1.41 6.19 -1.22
N GLY A 102 2.66 6.59 -1.14
CA GLY A 102 3.22 7.36 -2.23
C GLY A 102 4.53 8.03 -1.86
N CYS A 103 5.00 8.81 -2.82
CA CYS A 103 6.20 9.61 -2.67
C CYS A 103 6.01 10.93 -3.41
N GLU A 104 6.64 11.97 -2.86
CA GLU A 104 6.52 13.35 -3.36
C GLU A 104 7.91 13.96 -3.36
N LEU A 105 8.29 14.59 -4.49
CA LEU A 105 9.52 15.37 -4.55
C LEU A 105 9.16 16.83 -4.47
N PRO A 106 9.38 17.49 -3.34
CA PRO A 106 9.11 18.91 -3.27
C PRO A 106 10.11 19.65 -4.13
N PRO A 107 9.74 20.81 -4.66
CA PRO A 107 10.76 21.70 -5.23
C PRO A 107 11.82 22.14 -4.22
N GLU A 108 11.44 22.35 -2.95
CA GLU A 108 12.34 22.88 -1.94
C GLU A 108 12.77 21.82 -0.92
N GLY A 109 12.93 20.59 -1.39
CA GLY A 109 13.20 19.45 -0.50
C GLY A 109 14.55 18.79 -0.76
N SER A 110 15.23 18.43 0.32
CA SER A 110 16.48 17.70 0.33
C SER A 110 16.26 16.18 0.31
N ARG A 111 15.01 15.74 0.18
CA ARG A 111 14.62 14.36 0.45
C ARG A 111 13.20 14.17 -0.06
N ALA A 112 12.90 12.96 -0.52
CA ALA A 112 11.53 12.71 -0.89
C ALA A 112 10.67 12.59 0.36
N HIS A 113 9.41 13.06 0.28
CA HIS A 113 8.43 12.76 1.32
C HIS A 113 7.65 11.49 0.96
N VAL A 114 7.70 10.46 1.82
CA VAL A 114 7.00 9.22 1.47
C VAL A 114 6.09 8.80 2.62
N PHE A 115 5.14 7.93 2.32
CA PHE A 115 4.15 7.65 3.35
C PHE A 115 3.46 6.36 2.98
N PHE A 116 2.81 5.78 3.99
CA PHE A 116 1.92 4.62 3.80
C PHE A 116 0.98 4.65 5.00
N GLU A 117 -0.29 4.99 4.75
CA GLU A 117 -1.26 5.15 5.83
C GLU A 117 -2.34 4.12 5.67
N VAL A 118 -2.67 3.44 6.74
CA VAL A 118 -3.73 2.41 6.68
C VAL A 118 -4.91 2.81 7.56
N ALA A 119 -6.10 2.80 6.99
CA ALA A 119 -7.34 2.96 7.78
C ALA A 119 -8.21 1.71 7.71
N VAL A 120 -8.95 1.46 8.78
CA VAL A 120 -9.93 0.40 8.85
C VAL A 120 -11.32 0.98 9.15
N ASN A 121 -12.30 0.62 8.34
CA ASN A 121 -13.66 1.12 8.52
C ASN A 121 -13.66 2.64 8.57
N GLY A 122 -12.81 3.24 7.75
CA GLY A 122 -12.80 4.68 7.64
C GLY A 122 -12.14 5.42 8.79
N SER A 123 -11.51 4.73 9.73
CA SER A 123 -10.81 5.38 10.83
CA SER A 123 -10.81 5.40 10.82
C SER A 123 -9.33 5.03 10.78
N SER A 124 -8.46 6.00 11.14
CA SER A 124 -7.02 5.80 11.16
C SER A 124 -6.67 4.58 11.98
N PHE A 125 -5.76 3.76 11.47
CA PHE A 125 -5.41 2.50 12.11
C PHE A 125 -3.93 2.38 12.42
N VAL A 126 -3.07 2.32 11.40
CA VAL A 126 -1.62 2.29 11.60
C VAL A 126 -1.03 3.06 10.44
N SER A 127 0.23 3.47 10.60
CA SER A 127 0.92 4.11 9.50
C SER A 127 2.41 3.84 9.63
N PHE A 128 3.09 4.03 8.51
CA PHE A 128 4.48 3.67 8.37
C PHE A 128 5.32 4.91 8.59
N ARG A 129 6.34 4.78 9.44
CA ARG A 129 7.37 5.79 9.65
C ARG A 129 8.58 5.37 8.83
N PRO A 130 8.71 5.89 7.61
CA PRO A 130 9.48 5.16 6.59
C PRO A 130 10.99 5.12 6.77
N GLU A 131 11.63 6.21 7.22
CA GLU A 131 13.08 6.25 7.29
C GLU A 131 13.59 5.24 8.30
N ARG A 132 12.96 5.20 9.48
CA ARG A 132 13.30 4.20 10.48
C ARG A 132 12.63 2.89 10.15
N ALA A 133 11.71 2.88 9.18
CA ALA A 133 11.11 1.65 8.71
C ALA A 133 10.30 0.98 9.81
N LEU A 134 9.50 1.77 10.55
CA LEU A 134 8.71 1.24 11.66
C LEU A 134 7.26 1.64 11.52
N TRP A 135 6.37 0.74 11.94
CA TRP A 135 4.95 1.03 11.95
C TRP A 135 4.47 1.50 13.32
N GLN A 136 3.48 2.37 13.31
CA GLN A 136 2.96 2.98 14.52
C GLN A 136 1.45 2.90 14.51
N ALA A 137 0.85 2.85 15.69
CA ALA A 137 -0.59 2.94 15.75
C ALA A 137 -1.01 4.38 15.54
N ASP A 138 -2.11 4.57 14.82
CA ASP A 138 -2.77 5.87 14.72
C ASP A 138 -4.02 5.95 15.58
N THR A 139 -4.42 4.86 16.22
CA THR A 139 -5.59 4.84 17.09
C THR A 139 -5.24 5.30 18.49
N GLN A 140 -6.14 6.06 19.11
CA GLN A 140 -5.85 6.66 20.41
C GLN A 140 -5.88 5.63 21.53
N VAL A 141 -6.53 4.48 21.34
CA VAL A 141 -6.70 3.48 22.39
C VAL A 141 -5.96 2.21 22.03
N THR A 142 -5.34 1.60 23.03
CA THR A 142 -4.69 0.31 22.88
C THR A 142 -5.73 -0.75 22.58
N SER A 143 -5.40 -1.67 21.67
CA SER A 143 -6.31 -2.72 21.22
C SER A 143 -5.48 -3.94 20.84
N GLY A 144 -5.96 -5.13 21.22
CA GLY A 144 -5.22 -6.35 20.88
C GLY A 144 -5.03 -6.48 19.38
N VAL A 145 -6.04 -6.08 18.60
CA VAL A 145 -5.91 -6.07 17.15
C VAL A 145 -4.77 -5.16 16.70
N VAL A 146 -4.76 -3.92 17.18
CA VAL A 146 -3.73 -2.97 16.73
C VAL A 146 -2.36 -3.44 17.20
N THR A 147 -2.29 -3.86 18.46
CA THR A 147 -1.00 -4.25 18.98
C THR A 147 -0.46 -5.46 18.25
N PHE A 148 -1.30 -6.46 18.02
CA PHE A 148 -0.84 -7.64 17.31
C PHE A 148 -0.43 -7.27 15.88
N THR A 149 -1.21 -6.43 15.22
CA THR A 149 -0.83 -6.05 13.85
C THR A 149 0.53 -5.40 13.82
N LEU A 150 0.78 -4.47 14.75
CA LEU A 150 2.06 -3.77 14.81
C LEU A 150 3.18 -4.74 15.11
N GLN A 151 2.93 -5.67 16.02
CA GLN A 151 3.93 -6.69 16.30
C GLN A 151 4.32 -7.43 15.04
N GLN A 152 3.33 -7.78 14.20
CA GLN A 152 3.64 -8.46 12.95
C GLN A 152 4.38 -7.53 11.98
N LEU A 153 3.84 -6.33 11.77
CA LEU A 153 4.48 -5.38 10.84
C LEU A 153 5.91 -5.06 11.25
N ASN A 154 6.18 -4.95 12.55
CA ASN A 154 7.52 -4.57 12.97
C ASN A 154 8.45 -5.73 13.18
N ALA A 155 8.02 -6.97 13.00
CA ALA A 155 8.93 -8.06 13.32
C ALA A 155 9.73 -8.56 12.12
N TYR A 156 9.29 -8.27 10.89
CA TYR A 156 9.88 -8.89 9.70
C TYR A 156 10.50 -7.88 8.75
N ASN A 157 11.61 -8.29 8.13
CA ASN A 157 12.27 -7.48 7.12
C ASN A 157 11.31 -7.12 5.99
N ARG A 158 10.39 -8.04 5.65
CA ARG A 158 9.51 -7.79 4.51
C ARG A 158 8.69 -6.53 4.72
N THR A 159 8.03 -6.42 5.86
CA THR A 159 7.21 -5.24 6.12
C THR A 159 8.01 -4.05 6.66
N ARG A 160 9.30 -4.22 6.95
CA ARG A 160 10.02 -3.06 7.35
C ARG A 160 10.95 -2.58 6.25
N TYR A 161 12.03 -3.34 6.02
CA TYR A 161 13.10 -2.79 5.19
C TYR A 161 12.78 -2.86 3.71
N GLU A 162 12.09 -3.92 3.28
CA GLU A 162 11.70 -4.00 1.88
C GLU A 162 10.73 -2.87 1.54
N LEU A 163 9.77 -2.57 2.45
CA LEU A 163 8.81 -1.50 2.16
C LEU A 163 9.52 -0.14 2.12
N ARG A 164 10.47 0.07 3.03
CA ARG A 164 11.21 1.32 2.99
C ARG A 164 11.89 1.52 1.67
N GLU A 165 12.46 0.45 1.14
CA GLU A 165 13.14 0.53 -0.14
C GLU A 165 12.15 0.85 -1.25
N PHE A 166 10.96 0.24 -1.20
CA PHE A 166 9.98 0.48 -2.24
C PHE A 166 9.57 1.96 -2.26
N LEU A 167 9.31 2.53 -1.08
CA LEU A 167 8.84 3.92 -1.05
C LEU A 167 9.96 4.92 -1.32
N GLU A 168 11.14 4.74 -0.70
CA GLU A 168 12.27 5.68 -0.77
C GLU A 168 13.02 5.58 -2.09
N ASP A 169 13.17 4.37 -2.62
CA ASP A 169 13.96 4.13 -3.81
C ASP A 169 13.08 3.91 -5.04
N THR A 170 12.24 2.87 -5.04
CA THR A 170 11.47 2.48 -6.23
C THR A 170 10.44 3.53 -6.66
N CYS A 171 9.58 3.96 -5.73
CA CYS A 171 8.61 5.01 -6.04
C CYS A 171 9.31 6.30 -6.50
N VAL A 172 10.36 6.68 -5.80
CA VAL A 172 11.00 7.95 -6.13
C VAL A 172 11.68 7.86 -7.51
N GLN A 173 12.29 6.71 -7.82
CA GLN A 173 12.95 6.50 -9.11
C GLN A 173 11.92 6.41 -10.23
N TYR A 174 10.75 5.88 -9.93
CA TYR A 174 9.66 5.90 -10.91
C TYR A 174 9.20 7.33 -11.19
N VAL A 175 9.04 8.16 -10.16
CA VAL A 175 8.69 9.56 -10.40
C VAL A 175 9.73 10.24 -11.26
N GLN A 176 11.00 10.10 -10.89
CA GLN A 176 12.05 10.77 -11.67
C GLN A 176 12.09 10.25 -13.08
N LYS A 177 11.85 8.95 -13.25
CA LYS A 177 11.99 8.39 -14.58
C LYS A 177 10.78 8.72 -15.46
N HIS A 178 9.57 8.81 -14.89
CA HIS A 178 8.40 8.94 -15.72
C HIS A 178 7.67 10.27 -15.64
N ILE A 179 7.96 11.18 -14.67
CA ILE A 179 7.09 12.37 -14.61
C ILE A 179 7.12 13.13 -15.92
N SER A 180 8.28 13.19 -16.58
CA SER A 180 8.38 13.97 -17.82
C SER A 180 7.34 13.53 -18.84
N ALA A 181 6.95 12.26 -18.79
CA ALA A 181 5.86 11.75 -19.62
C ALA A 181 4.54 12.47 -19.34
N GLU A 182 4.36 13.01 -18.13
CA GLU A 182 3.13 13.75 -17.83
C GLU A 182 3.31 15.23 -18.18
C1 NAG B . -8.27 7.13 -6.96
C2 NAG B . -7.55 8.47 -6.61
C3 NAG B . -8.45 9.35 -5.74
C4 NAG B . -9.86 9.50 -6.30
C5 NAG B . -10.42 8.12 -6.60
C6 NAG B . -11.77 8.16 -7.26
C7 NAG B . -5.08 8.08 -6.48
C8 NAG B . -5.07 7.95 -7.96
N2 NAG B . -6.28 8.25 -5.91
O3 NAG B . -7.82 10.61 -5.51
O4 NAG B . -10.70 10.10 -5.31
O5 NAG B . -9.55 7.42 -7.51
O6 NAG B . -11.76 9.04 -8.38
O7 NAG B . -4.03 7.98 -5.82
C1 NAG B . -11.20 11.43 -5.65
C2 NAG B . -12.58 11.71 -5.03
C3 NAG B . -13.03 13.12 -5.42
C4 NAG B . -11.97 14.16 -5.08
C5 NAG B . -10.57 13.74 -5.55
C6 NAG B . -9.48 14.59 -4.95
C7 NAG B . -14.12 9.82 -4.63
C8 NAG B . -15.14 8.89 -5.26
N2 NAG B . -13.57 10.72 -5.45
O3 NAG B . -14.24 13.46 -4.75
O4 NAG B . -12.32 15.39 -5.70
O5 NAG B . -10.27 12.38 -5.16
O6 NAG B . -8.56 15.03 -5.94
O7 NAG B . -13.82 9.75 -3.44
C1 NAG C . -16.59 -2.63 10.23
C2 NAG C . -16.68 -3.45 11.53
C3 NAG C . -17.73 -4.55 11.40
C4 NAG C . -19.09 -3.98 11.00
C5 NAG C . -18.93 -3.25 9.68
C6 NAG C . -20.21 -2.57 9.24
C7 NAG C . -14.39 -3.38 12.41
C8 NAG C . -13.16 -4.18 12.65
N2 NAG C . -15.40 -4.04 11.84
O3 NAG C . -17.83 -5.24 12.64
O4 NAG C . -20.04 -5.04 10.89
O5 NAG C . -17.94 -2.21 9.81
O6 NAG C . -20.21 -1.19 9.57
O7 NAG C . -14.47 -2.20 12.71
C1 NAG C . -20.90 -5.13 12.08
C2 NAG C . -22.28 -5.58 11.63
C3 NAG C . -23.24 -5.59 12.81
C4 NAG C . -22.70 -6.52 13.90
C5 NAG C . -21.28 -6.11 14.30
C6 NAG C . -20.64 -7.10 15.26
C7 NAG C . -22.88 -5.13 9.30
C8 NAG C . -23.41 -4.13 8.32
N2 NAG C . -22.78 -4.73 10.56
O3 NAG C . -24.51 -6.04 12.38
O4 NAG C . -23.60 -6.54 15.02
O5 NAG C . -20.41 -6.04 13.15
O6 NAG C . -19.67 -7.92 14.62
O7 NAG C . -22.56 -6.28 8.96
C1 NAG D . -9.82 -11.45 -15.10
C2 NAG D . -9.95 -12.35 -16.35
C3 NAG D . -9.79 -11.53 -17.65
C4 NAG D . -10.70 -10.30 -17.63
C5 NAG D . -10.40 -9.47 -16.38
C6 NAG D . -11.27 -8.24 -16.26
C7 NAG D . -9.17 -14.62 -15.81
C8 NAG D . -10.57 -14.93 -15.37
N2 NAG D . -8.95 -13.40 -16.29
O3 NAG D . -10.06 -12.33 -18.80
O4 NAG D . -10.47 -9.50 -18.79
O5 NAG D . -10.67 -10.28 -15.23
O6 NAG D . -11.14 -7.42 -17.40
O7 NAG D . -8.27 -15.47 -15.74
C1 EDO E . -10.35 5.20 -10.48
O1 EDO E . -10.57 3.90 -9.86
C2 EDO E . -11.55 6.12 -10.29
O2 EDO E . -11.26 7.48 -10.63
C1 PTY F . 7.46 -4.96 0.07
O4 PTY F . 6.53 -5.68 0.89
C5 PTY F . 8.17 -5.56 -2.26
C6 PTY F . 7.03 -5.11 -1.37
O7 PTY F . 6.52 -3.84 -1.82
C8 PTY F . 5.54 -3.77 -2.75
O10 PTY F . 5.29 -4.64 -3.54
C11 PTY F . 4.78 -2.49 -2.73
C12 PTY F . 3.30 -2.56 -2.46
C13 PTY F . 2.63 -1.34 -3.09
C14 PTY F . 1.13 -1.22 -2.83
C15 PTY F . 0.38 -0.89 -4.11
C16 PTY F . -1.00 -0.27 -3.99
C17 PTY F . -1.87 -0.72 -5.16
C18 PTY F . -2.80 0.25 -5.91
C19 PTY F . -2.17 1.11 -7.00
C20 PTY F . -2.39 0.60 -8.42
C21 PTY F . -1.06 0.01 -8.92
C22 PTY F . 0.00 1.04 -9.25
C23 PTY F . 1.45 0.57 -9.15
C24 PTY F . 2.39 1.59 -9.76
C25 PTY F . 3.87 1.19 -9.89
C26 PTY F . 4.82 2.08 -9.12
C27 PTY F . 6.28 1.65 -9.03
C30 PTY F . 5.65 -4.93 1.59
C31 PTY F . 4.76 -5.69 2.56
O30 PTY F . 5.63 -3.74 1.43
C32 PTY F . 3.56 -4.91 3.13
C33 PTY F . 2.47 -5.88 3.63
C34 PTY F . 1.45 -5.25 4.59
C35 PTY F . 1.15 -3.78 4.26
C36 PTY F . 0.60 -3.07 5.47
C37 PTY F . -0.90 -2.96 5.59
C38 PTY F . -1.34 -3.31 6.99
C39 PTY F . -2.82 -3.53 7.15
C40 PTY F . -3.10 -4.99 7.36
C41 PTY F . -4.48 -5.22 7.90
C42 PTY F . -4.66 -5.04 9.39
C43 PTY F . -5.83 -5.85 9.90
C44 PTY F . -7.08 -5.08 10.26
P1 PTY F . 9.53 -4.54 -4.25
O11 PTY F . 10.61 -3.30 -4.03
O12 PTY F . 8.55 -4.17 -5.33
O13 PTY F . 10.19 -5.89 -4.33
O14 PTY F . 8.77 -4.42 -2.80
C1 EDO G . 7.79 -6.30 16.98
O1 EDO G . 6.82 -6.04 18.00
C2 EDO G . 8.97 -5.31 16.99
O2 EDO G . 10.08 -5.79 17.78
#